data_3CU1
#
_entry.id   3CU1
#
_cell.length_a   85.929
_cell.length_b   110.375
_cell.length_c   74.699
_cell.angle_alpha   90.00
_cell.angle_beta   90.00
_cell.angle_gamma   90.00
#
_symmetry.space_group_name_H-M   'P 21 21 2'
#
loop_
_entity.id
_entity.type
_entity.pdbx_description
1 polymer 'Fibroblast growth factor receptor 2'
2 polymer 'Heparin-binding growth factor 1'
3 branched 1,3,4,6-tetra-O-sulfo-beta-D-fructofuranose-(2-1)-2,3,4,6-tetra-O-sulfonato-alpha-D-glucopyranose
4 water water
#
loop_
_entity_poly.entity_id
_entity_poly.type
_entity_poly.pdbx_seq_one_letter_code
_entity_poly.pdbx_strand_id
1 'polypeptide(L)'
;NKRAPYWTNTEKMEKRLHAVPAANTVKFRCPAGGNPMPTMRWLKNGKEFKQEHRIGGYKVRNQHWSLIMESVVPSDKGNY
TCVVENEYGSINHTYHLDVV
;
A,C
2 'polypeptide(L)'
;NYKKPKLLYCSNGGHFLRILPDGTVDGTRDRSDQHIQLQLSAESVGEVYIKSTETGQYLAMDTDGLLYGSQTPNEECLFL
ERLEENHYNTYISKKHAEKNWFVGLKKNGSCKRGPRTHYGQKAILFLPLPV
;
B,D
#
loop_
_chem_comp.id
_chem_comp.type
_chem_comp.name
_chem_comp.formula
GU4 D-saccharide, alpha linking 2,3,4,6-tetra-O-sulfonato-alpha-D-glucopyranose 'C6 H12 O18 S4'
YYJ D-saccharide, beta linking 1,3,4,6-tetra-O-sulfo-beta-D-fructofuranose 'C6 H12 O18 S4'
#
# COMPACT_ATOMS: atom_id res chain seq x y z
N ASN A 1 4.62 30.41 -9.23
CA ASN A 1 4.41 28.98 -8.82
C ASN A 1 5.59 28.09 -8.97
N LYS A 2 6.67 28.71 -9.36
CA LYS A 2 7.90 28.00 -9.49
C LYS A 2 8.16 27.24 -8.12
N ARG A 3 8.53 25.95 -8.14
CA ARG A 3 8.79 25.34 -6.86
C ARG A 3 9.74 24.14 -6.78
N ALA A 4 10.71 24.28 -5.89
CA ALA A 4 11.70 23.27 -5.66
C ALA A 4 11.09 21.95 -5.30
N PRO A 5 11.85 20.91 -5.39
CA PRO A 5 11.19 19.56 -5.17
C PRO A 5 10.81 19.28 -3.74
N TYR A 6 9.79 18.40 -3.54
CA TYR A 6 9.43 18.04 -2.16
C TYR A 6 8.97 16.59 -2.19
N TRP A 7 9.17 15.86 -1.06
CA TRP A 7 8.77 14.43 -1.05
C TRP A 7 7.23 14.34 -0.98
N THR A 8 6.60 13.37 -1.69
CA THR A 8 5.15 13.28 -1.64
C THR A 8 4.76 12.13 -0.83
N ASN A 9 5.77 11.38 -0.40
CA ASN A 9 5.48 10.20 0.41
C ASN A 9 6.50 9.85 1.45
N THR A 10 6.77 10.77 2.35
CA THR A 10 7.62 10.52 3.48
C THR A 10 7.26 9.14 4.25
N GLU A 11 5.94 8.86 4.52
CA GLU A 11 5.62 7.61 5.22
C GLU A 11 6.51 6.46 4.59
N LYS A 12 6.51 6.23 3.25
CA LYS A 12 7.29 5.04 2.67
C LYS A 12 8.81 5.14 2.96
N MET A 13 9.31 6.32 2.88
CA MET A 13 10.64 6.48 2.99
C MET A 13 11.24 6.29 4.38
N GLU A 14 10.45 6.19 5.40
CA GLU A 14 11.04 6.04 6.74
C GLU A 14 11.85 4.69 6.90
N LYS A 15 11.49 3.65 6.13
CA LYS A 15 12.13 2.36 6.18
C LYS A 15 13.37 2.51 5.43
N ARG A 16 14.48 2.74 6.15
CA ARG A 16 15.75 3.02 5.47
C ARG A 16 16.50 1.82 5.29
N LEU A 17 16.34 0.85 6.19
CA LEU A 17 17.18 -0.34 6.04
C LEU A 17 16.39 -1.34 5.40
N HIS A 18 16.82 -1.79 4.23
CA HIS A 18 16.16 -2.82 3.54
C HIS A 18 17.05 -4.01 3.60
N ALA A 19 16.64 -4.96 4.38
CA ALA A 19 17.41 -6.17 4.54
C ALA A 19 16.63 -7.25 3.73
N VAL A 20 17.24 -7.80 2.65
CA VAL A 20 16.65 -8.77 1.74
C VAL A 20 17.47 -10.09 1.53
N PRO A 21 16.79 -11.28 1.41
CA PRO A 21 17.50 -12.49 1.15
C PRO A 21 17.87 -12.50 -0.33
N ALA A 22 19.04 -12.99 -0.77
CA ALA A 22 19.33 -13.13 -2.29
C ALA A 22 18.45 -14.30 -2.59
N ALA A 23 17.98 -14.60 -3.76
CA ALA A 23 18.06 -14.03 -4.98
C ALA A 23 16.79 -13.11 -5.11
N ASN A 24 16.25 -12.65 -4.02
CA ASN A 24 15.12 -11.78 -4.12
C ASN A 24 15.36 -10.43 -4.91
N THR A 25 14.26 -9.73 -4.99
CA THR A 25 14.13 -8.52 -5.68
C THR A 25 13.82 -7.31 -4.72
N VAL A 26 14.28 -6.13 -5.07
CA VAL A 26 14.15 -5.00 -4.17
C VAL A 26 13.76 -3.85 -4.95
N LYS A 27 12.98 -2.98 -4.31
CA LYS A 27 12.48 -1.76 -4.93
C LYS A 27 12.71 -0.66 -4.02
N PHE A 28 13.28 0.42 -4.47
CA PHE A 28 13.39 1.58 -3.62
C PHE A 28 12.51 2.63 -4.28
N ARG A 29 11.88 3.49 -3.47
CA ARG A 29 10.99 4.62 -4.00
C ARG A 29 11.31 6.04 -3.43
N CYS A 30 11.07 7.10 -4.18
CA CYS A 30 11.18 8.45 -3.58
C CYS A 30 10.20 9.31 -4.24
N PRO A 31 8.93 8.98 -4.10
CA PRO A 31 7.92 9.83 -4.83
C PRO A 31 8.15 11.25 -4.50
N ALA A 32 8.13 12.14 -5.49
CA ALA A 32 8.44 13.60 -5.32
C ALA A 32 7.48 14.43 -6.12
N GLY A 33 7.53 15.76 -5.96
CA GLY A 33 6.70 16.70 -6.63
C GLY A 33 7.59 17.96 -6.92
N GLY A 34 7.04 19.00 -7.56
CA GLY A 34 7.92 20.18 -7.86
C GLY A 34 7.48 20.75 -9.16
N ASN A 35 7.79 22.00 -9.40
CA ASN A 35 7.36 22.68 -10.63
C ASN A 35 8.53 23.51 -11.17
N PRO A 36 9.07 23.13 -12.33
CA PRO A 36 8.81 22.03 -13.21
C PRO A 36 9.07 20.70 -12.51
N MET A 37 8.32 19.67 -12.94
CA MET A 37 8.36 18.26 -12.36
C MET A 37 9.90 17.87 -12.24
N PRO A 38 10.34 17.50 -11.09
CA PRO A 38 11.79 17.23 -11.18
C PRO A 38 12.21 15.89 -11.82
N THR A 39 13.56 15.67 -12.04
CA THR A 39 14.20 14.50 -12.58
C THR A 39 14.70 13.70 -11.44
N MET A 40 15.14 12.46 -11.65
CA MET A 40 15.73 11.72 -10.61
C MET A 40 16.88 10.81 -11.19
N ARG A 41 17.85 10.48 -10.33
CA ARG A 41 18.96 9.60 -10.67
C ARG A 41 19.40 8.94 -9.41
N TRP A 42 20.06 7.81 -9.49
CA TRP A 42 20.46 7.09 -8.25
C TRP A 42 21.92 6.96 -8.10
N LEU A 43 22.40 7.05 -6.87
CA LEU A 43 23.79 6.89 -6.64
C LEU A 43 23.96 5.63 -5.86
N LYS A 44 25.04 4.92 -6.10
CA LYS A 44 25.31 3.75 -5.23
C LYS A 44 26.61 4.15 -4.47
N ASN A 45 26.56 4.12 -3.12
CA ASN A 45 27.75 4.55 -2.23
C ASN A 45 28.29 5.88 -2.67
N GLY A 46 27.39 6.83 -2.90
CA GLY A 46 27.76 8.14 -3.33
C GLY A 46 28.21 8.44 -4.83
N LYS A 47 28.19 7.47 -5.76
CA LYS A 47 28.63 7.74 -7.16
C LYS A 47 27.63 7.24 -8.20
N GLU A 48 27.81 7.66 -9.44
CA GLU A 48 26.90 7.20 -10.50
C GLU A 48 26.69 5.73 -10.52
N PHE A 49 25.49 5.38 -10.60
CA PHE A 49 25.15 4.03 -10.68
C PHE A 49 24.70 3.73 -12.21
N LYS A 50 25.59 3.21 -13.02
CA LYS A 50 25.12 2.90 -14.33
C LYS A 50 24.78 1.41 -14.42
N GLN A 51 24.03 1.11 -15.46
CA GLN A 51 23.60 -0.24 -15.84
C GLN A 51 24.69 -1.26 -15.85
N GLU A 52 25.87 -0.84 -16.28
CA GLU A 52 26.93 -1.72 -16.34
C GLU A 52 27.57 -2.02 -14.94
N HIS A 53 27.11 -1.40 -13.84
CA HIS A 53 27.68 -1.73 -12.51
C HIS A 53 27.05 -3.05 -11.76
N ARG A 54 26.16 -3.82 -12.42
CA ARG A 54 25.65 -5.10 -11.84
C ARG A 54 25.19 -5.99 -12.93
N ILE A 55 25.50 -7.28 -12.83
CA ILE A 55 24.99 -8.20 -13.78
C ILE A 55 23.42 -8.05 -13.90
N GLY A 56 22.93 -7.96 -15.14
CA GLY A 56 21.50 -7.78 -15.32
C GLY A 56 21.03 -6.35 -15.17
N GLY A 57 21.92 -5.45 -14.75
CA GLY A 57 21.55 -4.06 -14.64
C GLY A 57 20.36 -3.86 -13.73
N TYR A 58 19.54 -2.90 -14.03
CA TYR A 58 18.45 -2.60 -13.18
C TYR A 58 17.45 -1.68 -13.89
N LYS A 59 16.31 -1.55 -13.32
CA LYS A 59 15.26 -0.80 -13.91
C LYS A 59 14.92 0.44 -13.14
N VAL A 60 14.75 1.54 -13.80
CA VAL A 60 14.35 2.69 -13.09
C VAL A 60 12.99 2.93 -13.64
N ARG A 61 11.93 3.25 -12.82
CA ARG A 61 10.58 3.52 -13.35
C ARG A 61 10.18 4.95 -12.87
N ASN A 62 10.45 5.87 -13.75
CA ASN A 62 10.23 7.26 -13.55
C ASN A 62 8.79 7.55 -13.23
N GLN A 63 7.85 6.89 -13.94
CA GLN A 63 6.37 6.98 -13.76
C GLN A 63 6.05 6.71 -12.21
N HIS A 64 6.93 5.98 -11.50
CA HIS A 64 6.80 5.65 -10.06
C HIS A 64 7.93 6.09 -9.19
N TRP A 65 8.88 6.85 -9.72
CA TRP A 65 9.95 7.31 -8.93
C TRP A 65 10.69 6.09 -8.31
N SER A 66 10.89 5.04 -9.07
CA SER A 66 11.51 3.90 -8.30
C SER A 66 12.75 3.34 -8.92
N LEU A 67 13.50 2.56 -8.18
CA LEU A 67 14.70 1.87 -8.70
C LEU A 67 14.47 0.37 -8.40
N ILE A 68 14.62 -0.49 -9.38
CA ILE A 68 14.35 -1.90 -9.12
C ILE A 68 15.46 -2.79 -9.53
N MET A 69 15.88 -3.62 -8.61
CA MET A 69 16.99 -4.55 -8.89
C MET A 69 16.57 -6.00 -8.67
N GLU A 70 16.54 -6.78 -9.71
CA GLU A 70 16.17 -8.16 -9.55
C GLU A 70 17.36 -9.11 -9.12
N SER A 71 17.04 -10.25 -8.50
CA SER A 71 18.09 -11.22 -8.10
C SER A 71 19.22 -10.55 -7.32
N VAL A 72 18.91 -10.00 -6.20
CA VAL A 72 19.86 -9.33 -5.47
C VAL A 72 20.94 -10.32 -4.95
N VAL A 73 22.25 -9.97 -5.22
CA VAL A 73 23.50 -10.78 -4.74
C VAL A 73 24.29 -9.89 -3.76
N PRO A 74 25.32 -10.45 -3.05
CA PRO A 74 26.04 -9.59 -2.08
C PRO A 74 26.73 -8.35 -2.66
N SER A 75 27.29 -8.40 -3.84
CA SER A 75 27.87 -7.19 -4.41
C SER A 75 26.92 -6.05 -4.37
N ASP A 76 25.59 -6.29 -4.21
CA ASP A 76 24.60 -5.14 -4.17
C ASP A 76 24.60 -4.44 -2.82
N LYS A 77 25.17 -5.06 -1.78
CA LYS A 77 25.20 -4.39 -0.42
C LYS A 77 25.65 -2.93 -0.65
N GLY A 78 25.02 -1.97 0.01
CA GLY A 78 25.44 -0.65 -0.12
C GLY A 78 24.43 0.35 0.15
N ASN A 79 24.74 1.61 -0.18
CA ASN A 79 23.81 2.69 0.10
C ASN A 79 23.38 3.18 -1.13
N TYR A 80 22.09 3.34 -1.33
CA TYR A 80 21.52 3.84 -2.62
C TYR A 80 20.80 5.16 -2.34
N THR A 81 21.18 6.19 -3.11
CA THR A 81 20.59 7.52 -2.91
C THR A 81 19.74 8.01 -4.02
N CYS A 82 18.56 8.41 -3.76
CA CYS A 82 17.86 8.93 -4.85
C CYS A 82 18.05 10.45 -4.79
N VAL A 83 18.45 11.05 -5.89
CA VAL A 83 18.63 12.45 -5.93
C VAL A 83 17.57 13.05 -6.84
N VAL A 84 16.71 13.92 -6.30
CA VAL A 84 15.59 14.52 -7.14
C VAL A 84 15.75 16.08 -7.35
N GLU A 85 15.79 16.51 -8.61
CA GLU A 85 16.01 17.84 -8.87
C GLU A 85 15.28 18.60 -9.98
N ASN A 86 15.19 19.89 -9.78
CA ASN A 86 14.70 20.73 -10.78
C ASN A 86 15.61 21.95 -10.78
N GLU A 87 15.29 23.01 -11.53
CA GLU A 87 16.24 24.04 -11.47
C GLU A 87 16.17 24.96 -10.27
N TYR A 88 15.26 24.71 -9.31
CA TYR A 88 15.17 25.53 -8.11
C TYR A 88 15.87 24.87 -6.92
N GLY A 89 16.06 23.53 -7.00
CA GLY A 89 16.79 22.75 -6.00
C GLY A 89 16.68 21.21 -6.08
N SER A 90 17.32 20.51 -5.17
CA SER A 90 17.24 19.04 -5.17
C SER A 90 17.06 18.51 -3.79
N ILE A 91 16.40 17.38 -3.65
CA ILE A 91 16.30 16.76 -2.38
C ILE A 91 17.01 15.33 -2.48
N ASN A 92 17.46 14.77 -1.41
CA ASN A 92 18.01 13.34 -1.52
C ASN A 92 17.64 12.47 -0.32
N HIS A 93 17.70 11.19 -0.51
CA HIS A 93 17.34 10.22 0.61
C HIS A 93 18.10 9.08 0.37
N THR A 94 18.52 8.38 1.35
CA THR A 94 19.40 7.24 1.10
C THR A 94 18.94 5.99 1.65
N TYR A 95 18.96 4.93 0.89
CA TYR A 95 18.57 3.64 1.58
C TYR A 95 19.82 2.77 1.75
N HIS A 96 19.87 1.94 2.84
CA HIS A 96 20.96 0.99 3.06
C HIS A 96 20.40 -0.41 2.61
N LEU A 97 21.08 -1.05 1.66
CA LEU A 97 20.65 -2.34 1.21
C LEU A 97 21.59 -3.36 1.88
N ASP A 98 21.01 -4.39 2.48
CA ASP A 98 21.75 -5.39 3.13
C ASP A 98 21.22 -6.86 2.56
N VAL A 99 22.11 -7.66 1.98
CA VAL A 99 21.72 -9.00 1.40
C VAL A 99 22.03 -10.15 2.29
N VAL A 100 21.00 -10.83 2.73
CA VAL A 100 21.25 -11.95 3.63
C VAL A 100 21.67 -13.31 2.98
N LYS B 4 25.72 -17.20 17.28
CA LYS B 4 24.29 -17.51 17.51
C LYS B 4 23.26 -16.34 17.97
N PRO B 5 23.74 -15.26 18.63
CA PRO B 5 22.77 -14.14 19.03
C PRO B 5 22.47 -13.15 17.87
N LYS B 6 21.28 -13.27 17.29
CA LYS B 6 20.74 -12.52 16.14
C LYS B 6 19.85 -11.28 16.47
N LEU B 7 19.48 -10.52 15.43
CA LEU B 7 18.58 -9.37 15.56
C LEU B 7 17.45 -9.74 14.65
N LEU B 8 16.19 -9.76 15.15
CA LEU B 8 15.14 -10.09 14.28
C LEU B 8 14.62 -8.92 13.52
N TYR B 9 14.91 -8.88 12.22
CA TYR B 9 14.51 -7.83 11.39
C TYR B 9 13.17 -8.11 10.75
N CYS B 10 12.34 -7.13 10.86
CA CYS B 10 11.00 -7.25 10.31
C CYS B 10 10.90 -6.50 8.97
N SER B 11 10.50 -7.15 7.89
CA SER B 11 10.47 -6.40 6.62
C SER B 11 9.35 -5.45 6.54
N ASN B 12 8.34 -5.48 7.48
CA ASN B 12 7.20 -4.54 7.37
C ASN B 12 7.62 -3.03 7.30
N GLY B 13 8.33 -2.55 8.29
CA GLY B 13 8.77 -1.23 8.33
C GLY B 13 10.29 -1.18 8.54
N GLY B 14 10.92 -2.35 8.61
CA GLY B 14 12.39 -2.46 8.81
C GLY B 14 12.91 -2.20 10.30
N HIS B 15 12.20 -2.77 11.27
CA HIS B 15 12.46 -2.65 12.70
C HIS B 15 13.10 -3.86 13.18
N PHE B 16 13.79 -3.75 14.29
CA PHE B 16 14.33 -4.95 14.91
C PHE B 16 13.38 -5.10 16.01
N LEU B 17 12.96 -6.36 16.23
CA LEU B 17 12.07 -6.79 17.35
C LEU B 17 12.80 -6.40 18.63
N ARG B 18 12.09 -5.85 19.60
CA ARG B 18 12.74 -5.34 20.86
C ARG B 18 11.94 -5.67 22.11
N ILE B 19 12.57 -6.34 23.10
CA ILE B 19 11.89 -6.71 24.38
C ILE B 19 12.34 -5.77 25.48
N LEU B 20 11.56 -4.79 25.87
CA LEU B 20 12.00 -3.84 26.89
C LEU B 20 11.90 -4.38 28.27
N PRO B 21 12.73 -3.82 29.22
CA PRO B 21 12.72 -4.27 30.63
C PRO B 21 11.35 -4.18 31.30
N ASP B 22 10.47 -3.26 30.87
CA ASP B 22 9.08 -3.18 31.51
C ASP B 22 8.16 -4.29 30.96
N GLY B 23 8.71 -5.21 30.14
CA GLY B 23 7.95 -6.32 29.58
C GLY B 23 7.16 -6.01 28.34
N THR B 24 7.27 -4.82 27.80
CA THR B 24 6.54 -4.56 26.57
C THR B 24 7.43 -4.94 25.37
N VAL B 25 6.86 -5.37 24.30
CA VAL B 25 7.64 -5.75 23.13
C VAL B 25 7.27 -4.74 21.94
N ASP B 26 8.25 -4.26 21.15
CA ASP B 26 7.97 -3.38 20.02
C ASP B 26 9.14 -3.40 19.02
N GLY B 27 9.30 -2.39 18.16
CA GLY B 27 10.40 -2.38 17.22
C GLY B 27 11.07 -1.03 17.25
N THR B 28 12.33 -1.01 16.85
CA THR B 28 13.12 0.15 16.84
C THR B 28 14.04 -0.03 15.65
N ARG B 29 14.56 1.08 15.12
CA ARG B 29 15.49 0.97 14.01
C ARG B 29 16.88 1.29 14.54
N ASP B 30 17.05 1.47 15.84
CA ASP B 30 18.41 1.87 16.45
C ASP B 30 19.22 0.61 16.58
N ARG B 31 20.33 0.56 15.84
CA ARG B 31 21.20 -0.61 15.76
C ARG B 31 21.92 -0.73 17.09
N SER B 32 22.17 0.43 17.67
CA SER B 32 22.84 0.66 18.93
C SER B 32 21.99 0.23 20.23
N ASP B 33 20.71 0.00 20.02
CA ASP B 33 19.86 -0.39 21.16
C ASP B 33 20.22 -1.72 21.95
N GLN B 34 20.21 -1.62 23.28
CA GLN B 34 20.62 -2.70 24.14
C GLN B 34 19.56 -3.81 24.29
N HIS B 35 18.37 -3.60 23.75
CA HIS B 35 17.34 -4.59 23.92
C HIS B 35 16.91 -5.44 22.68
N ILE B 36 17.70 -5.42 21.60
CA ILE B 36 17.33 -6.18 20.44
C ILE B 36 18.12 -7.37 20.11
N GLN B 37 19.17 -7.69 20.89
CA GLN B 37 19.96 -8.92 20.70
C GLN B 37 19.14 -10.08 21.27
N LEU B 38 18.83 -11.06 20.45
CA LEU B 38 17.98 -12.18 20.90
C LEU B 38 18.62 -13.52 20.65
N GLN B 39 18.43 -14.45 21.57
CA GLN B 39 18.96 -15.78 21.38
C GLN B 39 17.75 -16.63 21.07
N LEU B 40 17.78 -17.41 20.00
CA LEU B 40 16.70 -18.37 19.72
C LEU B 40 17.19 -19.81 20.08
N SER B 41 16.23 -20.73 20.27
CA SER B 41 16.58 -22.09 20.60
C SER B 41 15.42 -23.07 20.37
N ALA B 42 15.74 -24.39 20.34
CA ALA B 42 14.74 -25.56 20.19
C ALA B 42 14.40 -26.14 21.62
N GLU B 43 14.10 -27.46 21.87
CA GLU B 43 14.02 -28.67 20.96
C GLU B 43 13.07 -28.59 19.76
N SER B 44 13.68 -28.37 18.62
CA SER B 44 13.06 -28.30 17.35
C SER B 44 12.55 -29.82 17.16
N VAL B 45 12.16 -30.29 15.95
CA VAL B 45 12.16 -29.56 14.69
C VAL B 45 11.29 -28.34 14.83
N GLY B 46 11.84 -27.17 14.29
CA GLY B 46 11.23 -25.79 14.26
C GLY B 46 10.26 -25.48 15.35
N GLU B 47 10.74 -24.99 16.51
CA GLU B 47 9.88 -24.69 17.67
C GLU B 47 10.88 -23.94 18.49
N VAL B 48 10.64 -22.70 18.73
CA VAL B 48 11.64 -21.96 19.37
C VAL B 48 11.28 -21.10 20.54
N TYR B 49 12.32 -20.80 21.29
CA TYR B 49 12.25 -19.89 22.32
C TYR B 49 13.03 -18.69 21.78
N ILE B 50 12.58 -17.50 22.11
CA ILE B 50 13.24 -16.19 21.71
C ILE B 50 13.52 -15.43 23.00
N LYS B 51 14.77 -15.30 23.36
CA LYS B 51 15.14 -14.64 24.67
C LYS B 51 15.97 -13.33 24.47
N SER B 52 15.71 -12.25 25.26
CA SER B 52 16.63 -11.09 25.08
C SER B 52 17.93 -11.47 25.88
N THR B 53 19.08 -11.38 25.26
CA THR B 53 20.33 -11.72 25.96
C THR B 53 20.70 -10.72 26.97
N GLU B 54 20.06 -9.57 26.96
CA GLU B 54 20.52 -8.73 27.95
C GLU B 54 19.63 -8.67 29.16
N THR B 55 18.44 -9.18 29.06
CA THR B 55 17.60 -9.11 30.18
C THR B 55 17.08 -10.50 30.58
N GLY B 56 17.37 -11.47 29.74
CA GLY B 56 16.98 -12.82 30.01
C GLY B 56 15.47 -13.09 29.82
N GLN B 57 14.66 -12.06 29.46
CA GLN B 57 13.20 -12.29 29.30
C GLN B 57 12.85 -12.98 28.06
N TYR B 58 11.79 -13.74 28.10
CA TYR B 58 11.35 -14.49 26.91
C TYR B 58 10.20 -13.86 26.10
N LEU B 59 10.27 -13.90 24.78
CA LEU B 59 9.12 -13.37 23.99
C LEU B 59 7.89 -14.33 24.24
N ALA B 60 6.74 -13.80 24.61
CA ALA B 60 5.61 -14.67 24.83
C ALA B 60 4.39 -13.95 24.26
N MET B 61 3.31 -14.70 24.01
CA MET B 61 2.07 -14.12 23.49
C MET B 61 0.94 -14.52 24.47
N ASP B 62 0.08 -13.61 24.91
CA ASP B 62 -0.95 -14.02 25.82
C ASP B 62 -2.20 -14.51 25.17
N THR B 63 -3.24 -14.87 25.96
CA THR B 63 -4.43 -15.41 25.35
C THR B 63 -5.16 -14.44 24.52
N ASP B 64 -4.86 -13.17 24.65
CA ASP B 64 -5.50 -12.09 23.81
C ASP B 64 -4.68 -11.68 22.49
N GLY B 65 -3.57 -12.34 22.24
CA GLY B 65 -2.82 -12.05 21.09
C GLY B 65 -1.75 -11.05 21.32
N LEU B 66 -1.64 -10.52 22.52
CA LEU B 66 -0.62 -9.54 22.74
C LEU B 66 0.72 -10.12 23.20
N LEU B 67 1.82 -9.64 22.55
CA LEU B 67 3.18 -9.98 22.85
C LEU B 67 3.62 -9.22 24.09
N TYR B 68 4.46 -9.92 24.86
CA TYR B 68 5.02 -9.38 26.10
C TYR B 68 6.30 -10.21 26.45
N GLY B 69 7.10 -9.75 27.37
CA GLY B 69 8.28 -10.59 27.73
C GLY B 69 8.10 -11.24 29.15
N SER B 70 8.41 -12.49 29.28
CA SER B 70 8.30 -13.09 30.62
C SER B 70 9.71 -13.50 31.24
N GLN B 71 9.80 -13.59 32.53
CA GLN B 71 11.06 -13.91 33.09
C GLN B 71 11.24 -15.36 33.10
N THR B 72 10.17 -16.10 33.17
CA THR B 72 10.35 -17.52 33.09
C THR B 72 9.88 -18.02 31.73
N PRO B 73 10.62 -19.00 31.17
CA PRO B 73 10.25 -19.64 29.92
C PRO B 73 8.95 -20.31 30.25
N ASN B 74 8.20 -20.75 29.24
CA ASN B 74 6.92 -21.40 29.51
C ASN B 74 6.00 -21.64 28.27
N GLU B 75 4.92 -22.46 28.40
CA GLU B 75 4.03 -22.72 27.19
C GLU B 75 3.62 -21.53 26.25
N GLU B 76 3.54 -20.29 26.76
CA GLU B 76 3.14 -19.15 25.91
C GLU B 76 4.37 -18.58 25.16
N CYS B 77 5.50 -19.25 25.38
CA CYS B 77 6.78 -18.80 24.73
C CYS B 77 7.23 -19.60 23.62
N LEU B 78 6.57 -20.74 23.34
CA LEU B 78 7.02 -21.55 22.16
C LEU B 78 6.51 -20.95 20.83
N PHE B 79 7.36 -20.92 19.81
CA PHE B 79 6.91 -20.43 18.57
C PHE B 79 7.32 -21.37 17.50
N LEU B 80 6.44 -21.57 16.50
CA LEU B 80 6.76 -22.44 15.36
C LEU B 80 7.36 -21.49 14.34
N GLU B 81 8.62 -21.76 14.03
CA GLU B 81 9.47 -21.03 13.13
C GLU B 81 9.43 -21.72 11.82
N ARG B 82 9.03 -21.03 10.77
CA ARG B 82 8.86 -21.60 9.48
C ARG B 82 9.68 -20.93 8.40
N LEU B 83 10.62 -21.62 7.70
CA LEU B 83 11.34 -20.88 6.67
C LEU B 83 10.40 -20.81 5.51
N GLU B 84 9.96 -19.62 5.20
CA GLU B 84 9.03 -19.40 4.16
C GLU B 84 9.55 -19.45 2.76
N GLU B 85 8.67 -19.67 1.80
CA GLU B 85 9.16 -19.82 0.46
C GLU B 85 9.64 -18.52 -0.12
N ASN B 86 10.29 -17.73 0.70
CA ASN B 86 10.69 -16.31 0.50
C ASN B 86 11.99 -15.69 0.49
N HIS B 87 12.98 -15.98 1.34
CA HIS B 87 12.99 -16.94 2.40
C HIS B 87 12.94 -16.22 3.70
N TYR B 88 11.83 -15.65 4.02
CA TYR B 88 11.72 -15.05 5.31
C TYR B 88 11.34 -16.08 6.30
N ASN B 89 11.44 -15.74 7.58
CA ASN B 89 10.93 -16.69 8.62
C ASN B 89 9.68 -16.14 9.21
N THR B 90 8.81 -17.03 9.67
CA THR B 90 7.60 -16.64 10.35
C THR B 90 7.52 -17.40 11.71
N TYR B 91 6.84 -16.79 12.69
CA TYR B 91 6.68 -17.37 13.96
C TYR B 91 5.28 -17.42 14.34
N ILE B 92 4.86 -18.60 14.76
CA ILE B 92 3.54 -18.76 15.17
C ILE B 92 3.40 -19.24 16.58
N SER B 93 2.57 -18.57 17.34
CA SER B 93 2.33 -19.01 18.67
C SER B 93 2.03 -20.50 18.66
N LYS B 94 2.74 -21.27 19.49
CA LYS B 94 2.48 -22.66 19.54
C LYS B 94 1.10 -22.90 20.14
N LYS B 95 0.80 -22.21 21.28
CA LYS B 95 -0.54 -22.42 21.97
C LYS B 95 -1.68 -22.10 21.01
N HIS B 96 -1.55 -20.95 20.32
CA HIS B 96 -2.58 -20.45 19.44
C HIS B 96 -2.27 -20.71 17.96
N ALA B 97 -1.79 -21.91 17.67
CA ALA B 97 -1.39 -22.27 16.30
C ALA B 97 -2.60 -22.61 15.43
N GLU B 98 -3.58 -23.24 16.02
CA GLU B 98 -4.75 -23.65 15.28
C GLU B 98 -5.56 -22.40 14.80
N LYS B 99 -5.08 -21.22 15.12
CA LYS B 99 -5.71 -19.95 14.77
C LYS B 99 -4.80 -19.07 14.05
N ASN B 100 -3.57 -19.52 13.77
CA ASN B 100 -2.56 -18.75 13.05
C ASN B 100 -2.18 -17.42 13.58
N TRP B 101 -1.79 -17.39 14.85
CA TRP B 101 -1.37 -16.18 15.46
C TRP B 101 0.09 -15.97 15.32
N PHE B 102 0.48 -15.12 14.38
CA PHE B 102 1.92 -14.82 14.15
C PHE B 102 2.40 -13.71 14.94
N VAL B 103 3.69 -13.72 15.17
CA VAL B 103 4.36 -12.62 15.84
C VAL B 103 4.52 -11.59 14.70
N GLY B 104 4.08 -10.33 14.82
CA GLY B 104 4.30 -9.36 13.77
C GLY B 104 4.61 -7.90 14.22
N LEU B 105 4.93 -7.00 13.27
CA LEU B 105 5.18 -5.57 13.61
C LEU B 105 4.55 -4.57 12.65
N LYS B 106 3.76 -3.67 13.10
CA LYS B 106 3.13 -2.63 12.19
C LYS B 106 4.25 -1.72 11.56
N LYS B 107 3.98 -1.04 10.48
CA LYS B 107 4.97 -0.18 9.88
C LYS B 107 5.41 0.85 10.94
N ASN B 108 4.64 1.18 11.93
CA ASN B 108 5.21 2.18 12.81
C ASN B 108 6.02 1.62 14.01
N GLY B 109 6.34 0.35 14.02
CA GLY B 109 7.09 -0.09 15.13
C GLY B 109 6.32 -0.87 16.21
N SER B 110 5.11 -0.51 16.48
CA SER B 110 4.30 -1.28 17.42
C SER B 110 4.03 -2.71 16.98
N CYS B 111 3.76 -3.62 17.90
CA CYS B 111 3.43 -5.00 17.55
C CYS B 111 2.01 -5.12 17.01
N LYS B 112 1.73 -6.18 16.28
CA LYS B 112 0.41 -6.48 15.84
C LYS B 112 -0.11 -7.50 16.86
N ARG B 113 -1.44 -7.66 16.99
CA ARG B 113 -1.94 -8.65 17.92
C ARG B 113 -2.31 -9.87 17.05
N GLY B 114 -2.10 -11.10 17.57
CA GLY B 114 -2.38 -12.39 16.82
C GLY B 114 -3.63 -12.34 15.94
N PRO B 115 -4.80 -12.11 16.57
CA PRO B 115 -5.98 -11.98 15.78
C PRO B 115 -5.84 -11.08 14.50
N ARG B 116 -5.11 -9.97 14.52
CA ARG B 116 -5.00 -9.14 13.32
C ARG B 116 -3.98 -9.61 12.26
N THR B 117 -3.18 -10.65 12.57
CA THR B 117 -2.14 -11.17 11.56
C THR B 117 -2.75 -12.28 10.68
N HIS B 118 -2.14 -12.45 9.52
CA HIS B 118 -2.60 -13.39 8.51
C HIS B 118 -1.42 -13.67 7.53
N TYR B 119 -1.40 -14.87 7.02
CA TYR B 119 -0.42 -15.30 6.08
C TYR B 119 -0.72 -14.36 4.86
N GLY B 120 0.32 -13.66 4.42
CA GLY B 120 0.26 -12.68 3.27
C GLY B 120 0.70 -11.23 3.58
N GLN B 121 0.84 -10.91 4.86
CA GLN B 121 1.22 -9.56 5.32
C GLN B 121 2.66 -9.41 5.38
N LYS B 122 3.17 -8.18 5.28
CA LYS B 122 4.65 -8.05 5.38
C LYS B 122 4.98 -8.02 6.85
N ALA B 123 4.01 -7.59 7.65
CA ALA B 123 4.24 -7.56 9.08
C ALA B 123 4.71 -8.95 9.75
N ILE B 124 4.52 -10.10 9.12
CA ILE B 124 4.93 -11.31 9.90
C ILE B 124 6.20 -11.94 9.42
N LEU B 125 6.97 -11.15 8.61
CA LEU B 125 8.19 -11.64 7.93
C LEU B 125 9.42 -11.15 8.55
N PHE B 126 10.26 -12.09 8.99
CA PHE B 126 11.46 -11.78 9.71
C PHE B 126 12.71 -12.36 9.20
N LEU B 127 13.79 -11.62 9.33
CA LEU B 127 15.04 -12.16 8.97
C LEU B 127 15.94 -12.06 10.21
N PRO B 128 16.58 -13.08 10.58
CA PRO B 128 17.52 -12.87 11.68
C PRO B 128 18.85 -12.25 11.14
N LEU B 129 19.22 -11.11 11.61
CA LEU B 129 20.46 -10.58 11.09
C LEU B 129 21.59 -10.74 12.10
N PRO B 130 22.85 -10.81 11.62
CA PRO B 130 23.94 -10.89 12.65
C PRO B 130 23.95 -9.61 13.55
N VAL B 131 24.39 -9.69 14.77
CA VAL B 131 24.38 -8.44 15.57
C VAL B 131 25.23 -7.27 15.02
N ASN C 1 12.90 24.22 16.08
CA ASN C 1 12.35 23.10 15.15
C ASN C 1 10.89 23.06 15.17
N LYS C 2 10.37 24.06 15.79
CA LYS C 2 9.00 24.35 15.94
C LYS C 2 8.33 24.23 14.43
N ARG C 3 7.58 23.19 14.10
CA ARG C 3 6.88 23.29 12.73
C ARG C 3 5.47 22.96 12.54
N ALA C 4 4.82 23.77 11.71
CA ALA C 4 3.45 23.57 11.39
C ALA C 4 3.19 22.23 10.71
N PRO C 5 1.96 21.81 10.57
CA PRO C 5 1.79 20.43 10.01
C PRO C 5 2.07 20.31 8.55
N TYR C 6 2.36 19.08 8.05
CA TYR C 6 2.66 18.84 6.65
C TYR C 6 2.17 17.46 6.36
N TRP C 7 1.74 17.16 5.13
CA TRP C 7 1.28 15.86 4.89
C TRP C 7 2.54 14.95 4.70
N THR C 8 2.50 13.70 5.11
CA THR C 8 3.54 12.81 4.95
C THR C 8 3.17 11.77 3.89
N ASN C 9 1.98 11.87 3.37
CA ASN C 9 1.61 11.01 2.33
C ASN C 9 0.62 11.46 1.30
N THR C 10 0.95 12.52 0.64
CA THR C 10 0.24 13.06 -0.47
C THR C 10 -0.19 12.03 -1.58
N GLU C 11 0.66 11.01 -1.91
CA GLU C 11 0.22 10.06 -2.92
C GLU C 11 -1.17 9.49 -2.51
N LYS C 12 -1.33 8.96 -1.28
CA LYS C 12 -2.68 8.36 -0.94
C LYS C 12 -3.82 9.34 -1.00
N MET C 13 -3.57 10.56 -0.71
CA MET C 13 -4.62 11.37 -0.73
C MET C 13 -5.11 12.02 -2.01
N GLU C 14 -4.56 11.65 -3.19
CA GLU C 14 -4.98 12.27 -4.43
C GLU C 14 -6.31 11.57 -4.93
N LYS C 15 -6.67 10.45 -4.31
CA LYS C 15 -7.93 9.77 -4.62
C LYS C 15 -8.99 10.48 -3.83
N ARG C 16 -9.51 11.54 -4.37
CA ARG C 16 -10.53 12.31 -3.68
C ARG C 16 -11.89 11.68 -3.66
N LEU C 17 -12.29 11.09 -4.77
CA LEU C 17 -13.69 10.51 -4.84
C LEU C 17 -13.71 9.10 -4.44
N HIS C 18 -14.34 8.89 -3.33
CA HIS C 18 -14.52 7.64 -2.89
C HIS C 18 -15.94 7.13 -3.23
N ALA C 19 -16.14 6.35 -4.28
CA ALA C 19 -17.45 5.85 -4.47
C ALA C 19 -17.49 4.40 -3.94
N VAL C 20 -18.37 4.14 -2.99
CA VAL C 20 -18.53 2.81 -2.27
C VAL C 20 -19.91 2.14 -2.25
N PRO C 21 -20.00 0.80 -2.46
CA PRO C 21 -21.41 0.21 -2.38
C PRO C 21 -21.77 0.14 -1.03
N ALA C 22 -23.02 0.32 -0.66
CA ALA C 22 -23.30 0.10 0.78
C ALA C 22 -23.47 -1.45 0.78
N ALA C 23 -23.46 -2.17 1.88
CA ALA C 23 -23.28 -1.80 3.16
C ALA C 23 -21.74 -1.91 3.36
N ASN C 24 -20.92 -1.56 2.40
CA ASN C 24 -19.51 -1.66 2.70
C ASN C 24 -19.02 -0.68 3.74
N THR C 25 -17.73 -0.76 3.92
CA THR C 25 -16.99 0.00 4.86
C THR C 25 -16.03 1.00 4.13
N VAL C 26 -15.75 2.13 4.72
CA VAL C 26 -14.87 3.08 4.03
C VAL C 26 -13.83 3.64 5.03
N LYS C 27 -12.66 3.95 4.51
CA LYS C 27 -11.59 4.42 5.33
C LYS C 27 -11.04 5.66 4.69
N PHE C 28 -10.93 6.79 5.39
CA PHE C 28 -10.24 7.95 4.79
C PHE C 28 -9.01 8.08 5.58
N ARG C 29 -7.92 8.53 4.96
CA ARG C 29 -6.62 8.80 5.66
C ARG C 29 -6.01 10.21 5.36
N CYS C 30 -5.22 10.76 6.26
CA CYS C 30 -4.46 12.06 5.98
C CYS C 30 -3.20 12.07 6.86
N PRO C 31 -2.29 11.16 6.63
CA PRO C 31 -1.09 11.11 7.47
C PRO C 31 -0.39 12.40 7.42
N ALA C 32 0.04 12.88 8.58
CA ALA C 32 0.63 14.17 8.71
C ALA C 32 1.76 14.13 9.68
N GLY C 33 2.50 15.22 9.83
CA GLY C 33 3.59 15.27 10.73
C GLY C 33 3.63 16.71 11.21
N GLY C 34 4.48 17.07 12.15
CA GLY C 34 4.52 18.49 12.65
C GLY C 34 5.24 18.53 14.09
N ASN C 35 5.53 19.67 14.63
CA ASN C 35 6.16 19.64 15.94
C ASN C 35 5.66 20.84 16.73
N PRO C 36 4.88 20.60 17.84
CA PRO C 36 4.44 19.27 18.35
C PRO C 36 3.59 18.52 17.35
N MET C 37 3.39 17.24 17.60
CA MET C 37 2.67 16.42 16.74
C MET C 37 1.27 16.85 16.71
N PRO C 38 0.80 17.15 15.56
CA PRO C 38 -0.55 17.70 15.47
C PRO C 38 -1.73 16.84 15.86
N THR C 39 -2.91 17.43 16.09
CA THR C 39 -4.06 16.59 16.35
C THR C 39 -4.95 16.55 15.12
N MET C 40 -5.97 15.72 15.09
CA MET C 40 -6.85 15.77 13.94
C MET C 40 -8.36 15.59 14.29
N ARG C 41 -9.23 16.16 13.46
CA ARG C 41 -10.61 16.04 13.68
C ARG C 41 -11.24 15.96 12.27
N TRP C 42 -12.52 15.48 12.16
CA TRP C 42 -13.21 15.35 10.81
C TRP C 42 -14.38 16.23 10.65
N LEU C 43 -14.60 16.78 9.51
CA LEU C 43 -15.85 17.56 9.39
C LEU C 43 -16.69 16.81 8.39
N LYS C 44 -18.01 16.92 8.48
CA LYS C 44 -18.90 16.31 7.46
C LYS C 44 -19.64 17.47 6.79
N ASN C 45 -19.37 17.74 5.53
CA ASN C 45 -20.02 18.86 4.87
C ASN C 45 -19.72 20.12 5.56
N GLY C 46 -18.49 20.29 6.02
CA GLY C 46 -18.09 21.52 6.70
C GLY C 46 -18.46 21.75 8.20
N LYS C 47 -18.90 20.76 8.93
CA LYS C 47 -19.26 21.07 10.31
C LYS C 47 -18.98 19.86 11.23
N GLU C 48 -18.97 20.08 12.54
CA GLU C 48 -18.57 18.98 13.46
C GLU C 48 -19.21 17.66 13.22
N PHE C 49 -18.38 16.68 13.11
CA PHE C 49 -18.86 15.40 12.89
C PHE C 49 -18.85 14.52 14.26
N LYS C 50 -19.92 14.49 14.96
CA LYS C 50 -19.91 13.63 16.13
C LYS C 50 -20.52 12.26 15.90
N GLN C 51 -20.17 11.37 16.81
CA GLN C 51 -20.63 9.98 16.81
C GLN C 51 -22.10 9.88 16.63
N GLU C 52 -22.75 10.83 17.22
CA GLU C 52 -24.15 10.90 17.23
C GLU C 52 -24.71 11.14 15.81
N HIS C 53 -23.96 11.67 14.86
CA HIS C 53 -24.53 11.91 13.44
C HIS C 53 -24.76 10.63 12.50
N ARG C 54 -24.55 9.42 13.01
CA ARG C 54 -24.75 8.18 12.14
C ARG C 54 -25.07 7.08 13.01
N ILE C 55 -25.93 6.24 12.56
CA ILE C 55 -26.18 5.10 13.28
C ILE C 55 -24.85 4.15 13.28
N GLY C 56 -24.38 3.78 14.47
CA GLY C 56 -23.16 2.98 14.65
C GLY C 56 -21.92 3.90 14.85
N GLY C 57 -22.08 5.20 14.69
CA GLY C 57 -21.00 6.07 14.90
C GLY C 57 -19.87 5.73 13.95
N TYR C 58 -18.64 6.06 14.34
CA TYR C 58 -17.53 5.83 13.52
C TYR C 58 -16.23 5.84 14.37
N LYS C 59 -15.12 5.28 13.83
CA LYS C 59 -13.88 5.26 14.48
C LYS C 59 -12.90 6.16 13.92
N VAL C 60 -12.12 6.74 14.77
CA VAL C 60 -11.03 7.53 14.29
C VAL C 60 -9.76 6.74 14.85
N ARG C 61 -8.80 6.46 14.02
CA ARG C 61 -7.55 5.79 14.50
C ARG C 61 -6.49 6.84 14.44
N ASN C 62 -6.22 7.48 15.56
CA ASN C 62 -5.16 8.59 15.58
C ASN C 62 -3.79 8.08 15.18
N GLN C 63 -3.49 6.86 15.57
CA GLN C 63 -2.23 6.17 15.28
C GLN C 63 -2.04 6.03 13.73
N HIS C 64 -3.12 6.02 12.97
CA HIS C 64 -2.99 5.94 11.52
C HIS C 64 -3.59 7.20 10.75
N TRP C 65 -4.08 8.20 11.48
CA TRP C 65 -4.64 9.35 10.89
C TRP C 65 -5.88 8.98 10.11
N SER C 66 -6.70 8.13 10.58
CA SER C 66 -7.72 7.83 9.75
C SER C 66 -9.05 7.87 10.36
N LEU C 67 -10.10 7.87 9.51
CA LEU C 67 -11.49 7.93 9.92
C LEU C 67 -12.13 6.70 9.26
N ILE C 68 -12.85 5.89 10.04
CA ILE C 68 -13.51 4.69 9.52
C ILE C 68 -14.99 4.55 9.81
N MET C 69 -15.82 4.39 8.79
CA MET C 69 -17.22 4.17 9.01
C MET C 69 -17.75 2.94 8.34
N GLU C 70 -18.24 2.01 9.10
CA GLU C 70 -18.64 0.80 8.54
C GLU C 70 -20.10 0.79 8.12
N SER C 71 -20.53 -0.24 7.34
CA SER C 71 -21.91 -0.29 6.90
C SER C 71 -22.38 1.01 6.31
N VAL C 72 -21.71 1.48 5.31
CA VAL C 72 -22.06 2.73 4.67
C VAL C 72 -23.52 2.69 4.07
N VAL C 73 -24.40 3.64 4.44
CA VAL C 73 -25.78 3.75 3.85
C VAL C 73 -25.88 5.19 3.11
N PRO C 74 -26.93 5.47 2.30
CA PRO C 74 -27.06 6.82 1.64
C PRO C 74 -26.79 8.07 2.47
N SER C 75 -27.38 8.18 3.67
CA SER C 75 -27.15 9.38 4.47
C SER C 75 -25.65 9.70 4.68
N ASP C 76 -24.71 8.76 4.38
CA ASP C 76 -23.23 9.02 4.53
C ASP C 76 -22.71 9.87 3.39
N LYS C 77 -23.37 9.86 2.24
CA LYS C 77 -22.95 10.72 1.12
C LYS C 77 -22.46 12.12 1.64
N GLY C 78 -21.46 12.68 1.04
CA GLY C 78 -21.05 13.95 1.46
C GLY C 78 -19.54 14.13 1.44
N ASN C 79 -19.10 15.33 1.85
CA ASN C 79 -17.74 15.66 1.88
C ASN C 79 -17.23 15.50 3.21
N TYR C 80 -16.14 14.82 3.35
CA TYR C 80 -15.47 14.62 4.64
C TYR C 80 -14.08 15.35 4.61
N THR C 81 -13.87 16.24 5.55
CA THR C 81 -12.64 17.00 5.59
C THR C 81 -11.85 16.71 6.80
N CYS C 82 -10.56 16.42 6.66
CA CYS C 82 -9.78 16.20 7.77
C CYS C 82 -9.00 17.46 8.05
N VAL C 83 -9.02 17.89 9.27
CA VAL C 83 -8.31 19.04 9.67
C VAL C 83 -7.24 18.64 10.64
N VAL C 84 -5.98 18.92 10.30
CA VAL C 84 -4.84 18.57 11.13
C VAL C 84 -4.19 19.87 11.64
N GLU C 85 -4.06 19.94 12.93
CA GLU C 85 -3.57 21.15 13.71
C GLU C 85 -2.58 21.04 14.81
N ASN C 86 -1.67 22.00 14.84
CA ASN C 86 -0.83 22.19 16.00
C ASN C 86 -0.92 23.65 16.29
N GLU C 87 -0.11 24.18 17.11
CA GLU C 87 -0.32 25.59 17.47
C GLU C 87 0.31 26.57 16.51
N TYR C 88 1.02 26.05 15.52
CA TYR C 88 1.71 26.87 14.49
C TYR C 88 0.82 26.92 13.21
N GLY C 89 -0.13 25.99 13.08
CA GLY C 89 -1.04 26.01 11.94
C GLY C 89 -1.86 24.72 11.69
N SER C 90 -2.58 24.72 10.61
CA SER C 90 -3.40 23.55 10.22
C SER C 90 -3.44 23.31 8.74
N ILE C 91 -3.70 22.09 8.36
CA ILE C 91 -3.81 21.79 6.94
C ILE C 91 -5.11 21.02 6.79
N ASN C 92 -5.77 21.09 5.66
CA ASN C 92 -7.00 20.29 5.50
C ASN C 92 -7.13 19.71 4.14
N HIS C 93 -7.92 18.67 4.05
CA HIS C 93 -8.10 18.00 2.82
C HIS C 93 -9.51 17.42 2.79
N THR C 94 -10.19 17.41 1.64
CA THR C 94 -11.52 16.94 1.60
C THR C 94 -11.75 15.80 0.74
N TYR C 95 -12.48 14.81 1.23
CA TYR C 95 -12.81 13.73 0.33
C TYR C 95 -14.34 13.72 0.05
N HIS C 96 -14.76 13.19 -1.14
CA HIS C 96 -16.22 13.09 -1.48
C HIS C 96 -16.59 11.60 -1.42
N LEU C 97 -17.63 11.31 -0.63
CA LEU C 97 -18.11 9.99 -0.46
C LEU C 97 -19.34 9.95 -1.25
N ASP C 98 -19.62 8.81 -1.85
CA ASP C 98 -20.71 8.70 -2.73
C ASP C 98 -21.11 7.14 -2.56
N VAL C 99 -22.33 6.86 -2.19
CA VAL C 99 -22.73 5.52 -1.90
C VAL C 99 -23.61 5.04 -2.98
N VAL C 100 -23.27 3.97 -3.59
CA VAL C 100 -23.97 3.47 -4.64
C VAL C 100 -24.99 2.56 -4.05
N ASN D 1 -32.54 -1.76 -13.69
CA ASN D 1 -32.33 -0.39 -13.11
C ASN D 1 -32.32 0.72 -14.21
N TYR D 2 -31.09 1.17 -14.57
CA TYR D 2 -30.78 2.21 -15.60
C TYR D 2 -29.58 1.87 -16.57
N LYS D 3 -30.01 1.06 -17.58
CA LYS D 3 -29.29 0.41 -18.79
C LYS D 3 -28.76 1.55 -19.75
N LYS D 4 -27.92 2.48 -19.25
CA LYS D 4 -27.49 3.62 -20.08
C LYS D 4 -26.06 4.14 -20.07
N PRO D 5 -25.83 5.47 -20.30
CA PRO D 5 -24.38 6.00 -20.36
C PRO D 5 -23.51 6.14 -19.08
N LYS D 6 -23.28 5.03 -18.41
CA LYS D 6 -22.48 4.97 -17.20
C LYS D 6 -21.07 5.61 -17.29
N LEU D 7 -20.36 5.73 -16.09
CA LEU D 7 -19.00 6.24 -15.95
C LEU D 7 -18.34 5.06 -15.19
N LEU D 8 -17.28 4.40 -15.76
CA LEU D 8 -16.71 3.33 -15.07
C LEU D 8 -15.70 3.84 -14.11
N TYR D 9 -16.05 3.76 -12.81
CA TYR D 9 -15.18 4.25 -11.83
C TYR D 9 -14.42 3.11 -11.30
N CYS D 10 -13.12 3.25 -11.19
CA CYS D 10 -12.25 2.24 -10.64
C CYS D 10 -11.83 2.61 -9.18
N SER D 11 -12.01 1.72 -8.25
CA SER D 11 -11.73 2.07 -6.86
C SER D 11 -10.16 2.18 -6.55
N ASN D 12 -9.29 1.72 -7.46
CA ASN D 12 -7.81 1.75 -7.26
C ASN D 12 -7.30 3.19 -6.95
N GLY D 13 -7.49 4.11 -7.86
CA GLY D 13 -7.08 5.46 -7.58
C GLY D 13 -8.17 6.49 -7.74
N GLY D 14 -9.49 6.04 -7.90
CA GLY D 14 -10.67 6.90 -8.06
C GLY D 14 -10.83 7.58 -9.42
N HIS D 15 -10.39 6.84 -10.54
CA HIS D 15 -10.43 7.36 -11.92
C HIS D 15 -11.63 6.79 -12.68
N PHE D 16 -12.05 7.49 -13.76
CA PHE D 16 -13.08 6.95 -14.60
C PHE D 16 -12.30 6.55 -15.78
N LEU D 17 -12.61 5.33 -16.32
CA LEU D 17 -11.98 4.78 -17.47
C LEU D 17 -12.24 5.79 -18.60
N ARG D 18 -11.28 5.94 -19.53
CA ARG D 18 -11.39 6.92 -20.58
C ARG D 18 -10.79 6.41 -21.92
N ILE D 19 -11.53 6.52 -23.00
CA ILE D 19 -11.10 6.09 -24.32
C ILE D 19 -10.83 7.36 -25.20
N LEU D 20 -9.60 7.68 -25.41
CA LEU D 20 -9.35 8.95 -26.03
C LEU D 20 -9.40 8.66 -27.42
N PRO D 21 -9.63 9.73 -28.29
CA PRO D 21 -9.74 9.63 -29.76
C PRO D 21 -8.56 9.05 -30.48
N ASP D 22 -7.36 9.03 -29.84
CA ASP D 22 -6.14 8.46 -30.52
C ASP D 22 -6.08 6.95 -30.33
N GLY D 23 -7.11 6.41 -29.69
CA GLY D 23 -7.19 5.00 -29.43
C GLY D 23 -6.58 4.49 -28.14
N THR D 24 -6.11 5.39 -27.26
CA THR D 24 -5.46 4.99 -26.02
C THR D 24 -6.49 4.99 -24.94
N VAL D 25 -6.29 4.22 -23.87
CA VAL D 25 -7.26 4.07 -22.80
C VAL D 25 -6.58 4.40 -21.56
N ASP D 26 -7.23 5.02 -20.58
CA ASP D 26 -6.54 5.54 -19.40
C ASP D 26 -7.58 6.07 -18.38
N GLY D 27 -7.22 6.72 -17.25
CA GLY D 27 -8.27 7.17 -16.39
C GLY D 27 -8.07 8.61 -16.13
N THR D 28 -9.08 9.31 -15.60
CA THR D 28 -8.94 10.69 -15.29
C THR D 28 -9.86 10.92 -14.21
N ARG D 29 -9.64 11.97 -13.43
CA ARG D 29 -10.55 12.25 -12.39
C ARG D 29 -11.51 13.40 -12.79
N ASP D 30 -11.42 13.92 -14.03
CA ASP D 30 -12.31 15.01 -14.42
C ASP D 30 -13.69 14.51 -14.87
N ARG D 31 -14.72 14.91 -14.11
CA ARG D 31 -16.09 14.49 -14.40
C ARG D 31 -16.64 15.20 -15.68
N SER D 32 -16.09 16.41 -15.98
CA SER D 32 -16.39 17.25 -17.21
C SER D 32 -15.87 16.63 -18.56
N ASP D 33 -14.94 15.69 -18.48
CA ASP D 33 -14.33 15.09 -19.60
C ASP D 33 -15.31 14.50 -20.61
N GLN D 34 -15.11 14.78 -21.90
CA GLN D 34 -16.01 14.20 -22.89
C GLN D 34 -15.75 12.71 -23.27
N HIS D 35 -14.66 12.11 -22.80
CA HIS D 35 -14.34 10.78 -23.17
C HIS D 35 -14.56 9.67 -22.17
N ILE D 36 -15.27 9.97 -21.10
CA ILE D 36 -15.57 8.99 -20.09
C ILE D 36 -16.99 8.40 -20.08
N GLN D 37 -17.97 8.93 -20.87
CA GLN D 37 -19.35 8.36 -20.88
C GLN D 37 -19.32 7.03 -21.75
N LEU D 38 -19.68 5.93 -21.16
CA LEU D 38 -19.61 4.68 -21.79
C LEU D 38 -20.95 3.91 -21.83
N GLN D 39 -21.25 3.26 -22.95
CA GLN D 39 -22.47 2.45 -23.02
C GLN D 39 -21.96 1.08 -22.86
N LEU D 40 -22.67 0.22 -22.08
CA LEU D 40 -22.26 -1.21 -21.99
C LEU D 40 -23.42 -2.00 -22.68
N SER D 41 -23.22 -3.27 -23.09
CA SER D 41 -24.31 -4.08 -23.71
C SER D 41 -24.01 -5.61 -23.64
N ALA D 42 -25.05 -6.50 -23.60
CA ALA D 42 -24.80 -8.01 -23.59
C ALA D 42 -24.75 -8.50 -25.15
N GLU D 43 -25.19 -9.69 -25.65
CA GLU D 43 -25.84 -10.86 -25.04
C GLU D 43 -24.88 -11.96 -24.95
N SER D 44 -24.66 -12.50 -23.77
CA SER D 44 -25.30 -12.15 -22.47
C SER D 44 -24.96 -13.34 -21.66
N VAL D 45 -24.67 -13.15 -20.40
CA VAL D 45 -24.71 -11.90 -19.73
C VAL D 45 -23.78 -12.52 -18.67
N GLY D 46 -22.74 -11.89 -18.17
CA GLY D 46 -22.32 -10.62 -18.52
C GLY D 46 -21.19 -10.83 -19.47
N GLU D 47 -21.46 -10.45 -20.66
CA GLU D 47 -20.56 -10.47 -21.71
C GLU D 47 -20.91 -9.16 -22.25
N VAL D 48 -20.03 -8.24 -22.10
CA VAL D 48 -20.32 -6.94 -22.49
C VAL D 48 -19.36 -6.35 -23.43
N TYR D 49 -19.81 -5.35 -24.05
CA TYR D 49 -19.03 -4.59 -24.90
C TYR D 49 -19.14 -3.24 -24.22
N ILE D 50 -18.03 -2.50 -24.14
CA ILE D 50 -17.97 -1.15 -23.51
C ILE D 50 -17.59 -0.15 -24.65
N LYS D 51 -18.47 0.78 -24.98
CA LYS D 51 -18.19 1.72 -26.05
C LYS D 51 -18.24 3.20 -25.62
N SER D 52 -17.31 4.05 -26.15
CA SER D 52 -17.33 5.49 -25.84
C SER D 52 -18.53 6.07 -26.64
N THR D 53 -19.49 6.72 -25.97
CA THR D 53 -20.62 7.23 -26.67
C THR D 53 -20.26 8.43 -27.49
N GLU D 54 -19.14 8.98 -27.16
CA GLU D 54 -18.66 10.17 -27.75
C GLU D 54 -17.95 9.92 -29.08
N THR D 55 -17.22 8.83 -29.17
CA THR D 55 -16.50 8.49 -30.42
C THR D 55 -16.97 7.20 -31.05
N GLY D 56 -17.72 6.37 -30.32
CA GLY D 56 -18.21 5.10 -30.86
C GLY D 56 -17.18 4.04 -30.79
N GLN D 57 -16.03 4.38 -30.25
CA GLN D 57 -14.86 3.48 -30.13
C GLN D 57 -15.09 2.40 -29.04
N TYR D 58 -14.70 1.13 -29.27
CA TYR D 58 -14.93 0.06 -28.30
C TYR D 58 -13.72 -0.30 -27.45
N LEU D 59 -13.94 -0.62 -26.15
CA LEU D 59 -12.79 -1.03 -25.34
C LEU D 59 -12.31 -2.46 -25.87
N ALA D 60 -11.03 -2.63 -26.05
CA ALA D 60 -10.51 -3.90 -26.50
C ALA D 60 -9.15 -4.13 -25.86
N MET D 61 -8.80 -5.39 -25.74
CA MET D 61 -7.52 -5.72 -25.27
C MET D 61 -6.72 -6.57 -26.26
N ASP D 62 -5.44 -6.25 -26.49
CA ASP D 62 -4.55 -7.05 -27.43
C ASP D 62 -4.16 -8.37 -26.93
N THR D 63 -3.44 -9.03 -27.76
CA THR D 63 -2.98 -10.28 -27.40
C THR D 63 -1.77 -10.15 -26.40
N ASP D 64 -1.33 -8.90 -26.10
CA ASP D 64 -0.29 -8.72 -25.09
C ASP D 64 -0.71 -7.96 -23.81
N GLY D 65 -2.05 -7.80 -23.65
CA GLY D 65 -2.63 -7.29 -22.48
C GLY D 65 -2.90 -5.91 -22.54
N LEU D 66 -2.53 -5.27 -23.60
CA LEU D 66 -2.75 -3.86 -23.63
C LEU D 66 -4.20 -3.45 -24.07
N LEU D 67 -4.76 -2.52 -23.33
CA LEU D 67 -6.02 -1.99 -23.68
C LEU D 67 -5.86 -0.93 -24.74
N TYR D 68 -6.85 -0.87 -25.63
CA TYR D 68 -6.88 0.16 -26.65
C TYR D 68 -8.35 0.26 -27.08
N GLY D 69 -8.70 1.33 -27.89
CA GLY D 69 -10.05 1.53 -28.44
C GLY D 69 -10.09 1.14 -29.92
N SER D 70 -11.12 0.39 -30.37
CA SER D 70 -11.29 0.07 -31.79
C SER D 70 -12.58 0.64 -32.36
N GLN D 71 -12.54 0.94 -33.63
CA GLN D 71 -13.70 1.46 -34.22
C GLN D 71 -14.69 0.41 -34.54
N THR D 72 -14.19 -0.80 -34.79
CA THR D 72 -15.02 -1.93 -35.12
C THR D 72 -15.20 -2.78 -33.84
N PRO D 73 -16.46 -3.16 -33.49
CA PRO D 73 -16.64 -4.09 -32.30
C PRO D 73 -15.97 -5.38 -32.80
N ASN D 74 -15.83 -6.39 -32.00
CA ASN D 74 -15.10 -7.55 -32.46
C ASN D 74 -14.57 -8.45 -31.28
N GLU D 75 -14.18 -9.66 -31.58
CA GLU D 75 -13.62 -10.62 -30.58
C GLU D 75 -12.72 -10.15 -29.38
N GLU D 76 -11.90 -9.15 -29.58
CA GLU D 76 -11.04 -8.68 -28.60
C GLU D 76 -11.79 -7.66 -27.73
N CYS D 77 -13.05 -7.42 -28.13
CA CYS D 77 -13.93 -6.48 -27.47
C CYS D 77 -14.89 -7.01 -26.48
N LEU D 78 -15.03 -8.38 -26.38
CA LEU D 78 -15.98 -8.92 -25.34
C LEU D 78 -15.42 -9.02 -23.96
N PHE D 79 -16.22 -8.76 -22.95
CA PHE D 79 -15.70 -8.89 -21.55
C PHE D 79 -16.62 -9.58 -20.72
N LEU D 80 -16.06 -10.40 -19.85
CA LEU D 80 -16.86 -11.10 -18.89
C LEU D 80 -17.05 -10.20 -17.67
N GLU D 81 -18.26 -9.77 -17.46
CA GLU D 81 -18.56 -8.90 -16.34
C GLU D 81 -19.11 -9.63 -15.19
N ARG D 82 -18.44 -9.70 -14.03
CA ARG D 82 -19.09 -10.41 -12.88
C ARG D 82 -19.27 -9.52 -11.70
N LEU D 83 -20.47 -9.55 -11.11
CA LEU D 83 -20.75 -8.74 -9.94
C LEU D 83 -20.01 -9.45 -8.82
N GLU D 84 -19.05 -8.78 -8.21
CA GLU D 84 -18.25 -9.40 -7.17
C GLU D 84 -18.86 -9.46 -5.81
N GLU D 85 -18.19 -10.18 -4.95
CA GLU D 85 -18.60 -10.26 -3.67
C GLU D 85 -18.96 -9.24 -2.70
N ASN D 86 -18.75 -7.93 -2.60
CA ASN D 86 -18.10 -6.86 -3.19
C ASN D 86 -18.66 -5.56 -2.90
N HIS D 87 -19.61 -5.01 -3.68
CA HIS D 87 -20.23 -5.52 -4.79
C HIS D 87 -19.71 -4.76 -5.93
N TYR D 88 -18.43 -4.93 -6.22
CA TYR D 88 -17.89 -4.27 -7.32
C TYR D 88 -18.02 -5.17 -8.54
N ASN D 89 -17.73 -4.61 -9.72
CA ASN D 89 -17.75 -5.34 -10.87
C ASN D 89 -16.30 -5.52 -11.35
N THR D 90 -16.07 -6.60 -12.09
CA THR D 90 -14.71 -6.89 -12.74
C THR D 90 -15.00 -7.31 -14.18
N TYR D 91 -14.05 -7.04 -15.09
CA TYR D 91 -14.20 -7.35 -16.43
C TYR D 91 -13.02 -8.07 -16.82
N ILE D 92 -13.22 -9.22 -17.45
CA ILE D 92 -12.18 -10.05 -17.90
C ILE D 92 -12.22 -10.21 -19.36
N SER D 93 -11.07 -10.16 -20.02
CA SER D 93 -11.03 -10.37 -21.41
C SER D 93 -11.73 -11.77 -21.76
N LYS D 94 -12.64 -11.77 -22.73
CA LYS D 94 -13.28 -12.94 -23.08
C LYS D 94 -12.25 -13.89 -23.82
N LYS D 95 -11.53 -13.34 -24.79
CA LYS D 95 -10.52 -14.08 -25.57
C LYS D 95 -9.36 -14.69 -24.60
N HIS D 96 -8.89 -13.86 -23.62
CA HIS D 96 -7.86 -14.25 -22.67
C HIS D 96 -8.43 -14.52 -21.26
N ALA D 97 -9.55 -15.23 -21.19
CA ALA D 97 -10.11 -15.53 -19.89
C ALA D 97 -9.43 -16.72 -19.25
N GLU D 98 -8.89 -17.65 -20.03
CA GLU D 98 -8.28 -18.79 -19.36
C GLU D 98 -6.96 -18.42 -18.75
N LYS D 99 -6.68 -17.14 -18.74
CA LYS D 99 -5.51 -16.59 -18.18
C LYS D 99 -5.79 -15.46 -17.23
N ASN D 100 -7.07 -15.07 -17.03
CA ASN D 100 -7.41 -14.04 -16.08
C ASN D 100 -7.02 -12.67 -16.35
N TRP D 101 -7.22 -12.22 -17.57
CA TRP D 101 -6.85 -10.86 -17.85
C TRP D 101 -7.94 -9.88 -17.60
N PHE D 102 -7.81 -9.10 -16.52
CA PHE D 102 -8.85 -8.10 -16.18
C PHE D 102 -8.53 -6.72 -16.71
N VAL D 103 -9.55 -5.97 -16.95
CA VAL D 103 -9.39 -4.60 -17.31
C VAL D 103 -8.99 -3.99 -15.95
N GLY D 104 -7.92 -3.13 -15.87
CA GLY D 104 -7.54 -2.56 -14.58
C GLY D 104 -6.94 -1.19 -14.70
N LEU D 105 -6.91 -0.44 -13.60
CA LEU D 105 -6.21 0.87 -13.65
C LEU D 105 -5.20 1.10 -12.46
N LYS D 106 -3.99 1.49 -12.73
CA LYS D 106 -3.02 1.84 -11.73
C LYS D 106 -3.51 3.13 -10.83
N LYS D 107 -2.96 3.35 -9.65
CA LYS D 107 -3.37 4.52 -8.89
C LYS D 107 -2.93 5.77 -9.64
N ASN D 108 -2.07 5.68 -10.64
CA ASN D 108 -1.75 6.91 -11.34
C ASN D 108 -2.65 7.12 -12.54
N GLY D 109 -3.63 6.32 -12.75
CA GLY D 109 -4.42 6.65 -13.83
C GLY D 109 -4.14 5.86 -15.12
N SER D 110 -2.97 5.37 -15.31
CA SER D 110 -2.77 4.64 -16.52
C SER D 110 -3.28 3.24 -16.38
N CYS D 111 -3.41 2.46 -17.47
CA CYS D 111 -3.94 1.05 -17.36
C CYS D 111 -2.98 0.04 -16.95
N LYS D 112 -3.45 -1.05 -16.30
CA LYS D 112 -2.57 -2.19 -16.01
C LYS D 112 -2.68 -3.01 -17.25
N ARG D 113 -1.72 -3.91 -17.53
CA ARG D 113 -1.82 -4.79 -18.68
C ARG D 113 -2.29 -6.10 -18.06
N GLY D 114 -3.10 -6.87 -18.79
CA GLY D 114 -3.67 -8.16 -18.27
C GLY D 114 -2.74 -9.06 -17.49
N PRO D 115 -1.55 -9.32 -18.01
CA PRO D 115 -0.70 -10.16 -17.22
C PRO D 115 -0.36 -9.64 -15.86
N ARG D 116 -0.34 -8.35 -15.64
CA ARG D 116 0.02 -7.87 -14.31
C ARG D 116 -1.20 -7.76 -13.36
N THR D 117 -2.41 -8.08 -13.83
CA THR D 117 -3.58 -8.01 -13.00
C THR D 117 -3.92 -9.40 -12.43
N HIS D 118 -4.63 -9.42 -11.30
CA HIS D 118 -5.13 -10.70 -10.68
C HIS D 118 -6.11 -10.44 -9.65
N TYR D 119 -6.84 -11.49 -9.34
CA TYR D 119 -7.85 -11.47 -8.38
C TYR D 119 -7.23 -11.01 -7.05
N GLY D 120 -7.82 -9.98 -6.41
CA GLY D 120 -7.35 -9.47 -5.10
C GLY D 120 -6.83 -8.03 -5.13
N GLN D 121 -6.69 -7.43 -6.29
CA GLN D 121 -6.16 -6.08 -6.38
C GLN D 121 -7.25 -5.07 -6.44
N LYS D 122 -6.94 -3.82 -6.05
CA LYS D 122 -7.92 -2.79 -6.11
C LYS D 122 -8.08 -2.37 -7.54
N ALA D 123 -7.01 -2.43 -8.28
CA ALA D 123 -7.10 -2.02 -9.72
C ALA D 123 -8.15 -2.68 -10.56
N ILE D 124 -8.66 -3.83 -10.22
CA ILE D 124 -9.63 -4.39 -11.22
C ILE D 124 -11.08 -4.24 -10.85
N LEU D 125 -11.35 -3.39 -9.85
CA LEU D 125 -12.69 -3.21 -9.32
C LEU D 125 -13.35 -1.92 -9.71
N PHE D 126 -14.44 -2.10 -10.43
CA PHE D 126 -15.23 -0.95 -10.97
C PHE D 126 -16.55 -0.86 -10.50
N LEU D 127 -17.02 0.32 -10.58
CA LEU D 127 -18.39 0.57 -10.14
C LEU D 127 -18.98 1.49 -11.29
N PRO D 128 -20.06 1.12 -11.86
CA PRO D 128 -20.65 1.97 -12.92
C PRO D 128 -21.46 3.18 -12.27
N LEU D 129 -21.07 4.40 -12.52
CA LEU D 129 -21.73 5.47 -11.91
C LEU D 129 -22.64 6.23 -12.87
N PRO D 130 -23.74 6.77 -12.38
CA PRO D 130 -24.60 7.59 -13.31
C PRO D 130 -23.79 8.79 -13.91
N VAL D 131 -24.08 9.23 -15.10
CA VAL D 131 -23.28 10.35 -15.66
C VAL D 131 -23.34 11.63 -14.83
C1 GU4 E . -4.56 -0.71 8.52
O5 GU4 E . -4.20 -1.77 9.40
C5 GU4 E . -2.88 -2.19 9.09
C6 GU4 E . -2.59 -3.17 10.17
O6 GU4 E . -2.88 -2.52 11.38
S6 GU4 E . -3.62 -3.33 12.56
O22 GU4 E . -3.37 -4.82 12.56
O23 GU4 E . -5.09 -3.21 12.37
O21 GU4 E . -3.12 -2.67 13.83
C4 GU4 E . -1.81 -1.06 9.13
O4 GU4 E . -0.67 -1.54 8.42
S4 GU4 E . 0.41 -2.54 9.14
O25 GU4 E . 1.61 -2.14 8.56
O26 GU4 E . 0.19 -4.00 8.90
O24 GU4 E . 0.43 -2.07 10.47
C3 GU4 E . -2.31 0.30 8.57
O3 GU4 E . -1.49 1.32 9.09
S3 GU4 E . -0.22 2.01 8.32
O28 GU4 E . -0.43 2.13 6.89
O29 GU4 E . 0.90 1.01 8.69
O27 GU4 E . 0.00 3.44 8.86
C2 GU4 E . -3.80 0.54 9.02
O2 GU4 E . -4.40 1.81 8.57
S2 GU4 E . -6.04 2.17 8.56
O11 GU4 E . -6.16 3.57 8.99
O12 GU4 E . -6.80 1.27 9.46
O10 GU4 E . -6.62 1.92 7.19
C1 YYJ E . -6.12 -2.30 6.78
C2 YYJ E . -4.61 -2.02 6.38
C3 YYJ E . -4.36 -1.42 4.94
C4 YYJ E . -2.93 -1.94 4.58
C5 YYJ E . -2.75 -3.23 5.39
C6 YYJ E . -1.28 -3.55 5.83
O1 YYJ E . -6.39 -3.70 7.10
O1S1 YYJ E . -6.35 -5.98 8.54
O1S3 YYJ E . -3.15 2.02 6.02
O1S4 YYJ E . -2.79 -2.50 0.55
O1S6 YYJ E . -3.13 -6.47 5.75
O2 YYJ E . -3.97 -1.05 7.25
O2S1 YYJ E . -6.35 -3.81 9.71
O2S3 YYJ E . -4.39 2.62 4.01
O2S4 YYJ E . -4.89 -1.83 1.70
O2S6 YYJ E . -1.26 -7.26 4.32
O3 YYJ E . -4.63 0.10 4.81
O3S1 YYJ E . -4.33 -4.78 8.50
O3S3 YYJ E . -2.28 1.21 3.89
O3S4 YYJ E . -4.06 -4.12 2.05
O3S6 YYJ E . -2.75 -5.57 3.58
O4 YYJ E . -2.61 -2.17 3.14
O5 YYJ E . -3.77 -3.22 6.46
O6 YYJ E . -0.92 -4.91 5.43
S1 YYJ E . -5.83 -4.56 8.49
S3 YYJ E . -3.57 1.50 4.66
S4 YYJ E . -3.62 -2.67 1.84
S6 YYJ E . -2.03 -6.07 4.78
C1 GU4 F . 4.16 -1.43 -8.64
O5 GU4 F . 3.38 -1.83 -9.70
C5 GU4 F . 2.07 -1.77 -9.35
C6 GU4 F . 1.50 -2.35 -10.57
O6 GU4 F . 2.29 -1.82 -11.59
S6 GU4 F . 2.45 -2.66 -12.89
O22 GU4 F . 2.41 -4.16 -12.74
O23 GU4 F . 3.68 -2.10 -13.32
O21 GU4 F . 1.38 -2.24 -13.79
C4 GU4 F . 1.66 -0.30 -9.18
O4 GU4 F . 0.49 -0.22 -8.34
S4 GU4 F . -1.09 -0.43 -8.82
O25 GU4 F . -1.86 0.63 -8.26
O26 GU4 F . -1.74 -1.78 -8.48
O24 GU4 F . -1.08 -0.11 -10.16
C3 GU4 F . 2.72 0.63 -8.61
O3 GU4 F . 2.42 1.83 -9.34
S3 GU4 F . 1.08 2.88 -9.04
O28 GU4 F . 1.39 3.54 -7.66
O29 GU4 F . -0.18 2.09 -9.05
O27 GU4 F . 0.85 3.93 -10.12
C2 GU4 F . 4.21 0.09 -8.82
O2 GU4 F . 5.42 0.63 -8.04
S2 GU4 F . 7.09 0.17 -8.20
O11 GU4 F . 7.83 1.41 -8.08
O12 GU4 F . 7.39 -0.52 -9.49
O10 GU4 F . 7.52 -0.64 -7.03
C1 YYJ F . 5.28 -3.75 -7.24
C2 YYJ F . 3.82 -3.28 -6.95
C3 YYJ F . 3.59 -3.31 -5.46
C4 YYJ F . 2.07 -3.48 -5.32
C5 YYJ F . 1.75 -4.38 -6.50
C6 YYJ F . 0.41 -4.11 -7.17
O1 YYJ F . 5.60 -4.12 -8.61
O1S1 YYJ F . 4.69 -6.58 -8.11
O1S3 YYJ F . 3.65 0.30 -5.55
O1S4 YYJ F . 2.17 -6.63 -3.40
O1S6 YYJ F . 2.25 -6.52 -8.31
O2 YYJ F . 3.50 -1.90 -7.43
O2S1 YYJ F . 6.32 -6.23 -9.95
O2S3 YYJ F . 4.56 -0.08 -3.27
O2S4 YYJ F . 1.83 -4.84 -1.71
O2S6 YYJ F . 1.12 -6.30 -10.55
O3 YYJ F . 4.30 -2.18 -4.84
O3S1 YYJ F . 3.99 -5.46 -10.22
O3S3 YYJ F . 2.27 -0.98 -3.85
O3S4 YYJ F . 3.93 -4.92 -2.94
O3S6 YYJ F . 0.01 -7.26 -8.43
O4 YYJ F . 1.61 -4.14 -4.11
O5 YYJ F . 2.83 -4.20 -7.43
O6 YYJ F . 0.38 -4.68 -8.53
S1 YYJ F . 5.13 -5.63 -9.24
S3 YYJ F . 3.68 -0.70 -4.38
S4 YYJ F . 2.43 -5.15 -3.03
S6 YYJ F . 0.95 -6.21 -9.01
#